data_1ZNT
#
_entry.id   1ZNT
#
loop_
_entity.id
_entity.type
_entity.pdbx_description
1 polymer 'AMARANTHUS CAUDATUS ANTIMICROBIAL PEPTIDE 2'
2 branched 2-acetamido-2-deoxy-beta-D-glucopyranose-(1-4)-2-acetamido-2-deoxy-beta-D-glucopyranose-(1-4)-2-acetamido-2-deoxy-beta-D-glucopyranose
#
_entity_poly.entity_id   1
_entity_poly.type   'polypeptide(L)'
_entity_poly.pdbx_seq_one_letter_code
;VGECVRGRCPSGMCCSQ(PFF)G(PFF)CGKGPKYCGR(NH2)
;
_entity_poly.pdbx_strand_id   A
#
# COMPACT_ATOMS: atom_id res chain seq x y z
N VAL A 1 4.79 -9.79 -4.64
CA VAL A 1 3.33 -9.84 -4.46
C VAL A 1 2.92 -8.83 -3.41
N GLY A 2 1.86 -8.06 -3.66
CA GLY A 2 1.42 -6.98 -2.79
C GLY A 2 1.98 -5.63 -3.21
N GLU A 3 2.42 -5.49 -4.46
CA GLU A 3 3.11 -4.33 -5.01
C GLU A 3 2.11 -3.32 -5.59
N CYS A 4 2.25 -2.05 -5.25
CA CYS A 4 1.35 -1.01 -5.75
C CYS A 4 1.64 -0.70 -7.22
N VAL A 5 0.67 -0.06 -7.88
CA VAL A 5 0.85 0.65 -9.15
C VAL A 5 1.54 2.00 -8.87
N ARG A 6 2.72 1.92 -8.24
CA ARG A 6 3.58 3.02 -7.80
C ARG A 6 2.82 4.10 -7.03
N GLY A 7 1.84 3.64 -6.26
CA GLY A 7 1.11 4.47 -5.30
C GLY A 7 -0.23 3.91 -4.82
N ARG A 8 -0.88 3.04 -5.60
CA ARG A 8 -2.18 2.46 -5.19
C ARG A 8 -2.27 0.95 -5.46
N CYS A 9 -3.30 0.36 -4.87
CA CYS A 9 -3.69 -1.04 -4.91
C CYS A 9 -5.24 -1.09 -4.93
N PRO A 10 -5.86 -2.28 -4.96
CA PRO A 10 -7.31 -2.44 -4.95
C PRO A 10 -8.06 -1.72 -3.82
N SER A 11 -9.39 -1.82 -3.86
CA SER A 11 -10.29 -1.04 -3.03
C SER A 11 -10.24 -1.44 -1.56
N GLY A 12 -9.25 -0.90 -0.87
CA GLY A 12 -9.17 -0.92 0.59
C GLY A 12 -7.75 -0.80 1.15
N MET A 13 -6.72 -1.04 0.35
CA MET A 13 -5.34 -1.01 0.86
C MET A 13 -4.76 0.42 0.86
N CYS A 14 -3.65 0.58 1.55
CA CYS A 14 -2.80 1.77 1.52
C CYS A 14 -1.41 1.34 1.05
N CYS A 15 -0.57 2.27 0.61
CA CYS A 15 0.68 1.97 -0.11
C CYS A 15 1.93 2.49 0.63
N SER A 16 3.06 1.80 0.46
CA SER A 16 4.28 1.99 1.24
C SER A 16 5.42 2.64 0.46
N GLN A 17 6.56 2.78 1.12
CA GLN A 17 7.70 3.55 0.65
C GLN A 17 8.57 2.77 -0.34
N GLY A 19 6.49 1.04 -2.38
CA GLY A 19 5.30 0.77 -3.16
C GLY A 19 4.85 -0.68 -3.02
N CYS A 21 1.61 -2.70 -0.61
CA CYS A 21 0.35 -2.24 -0.04
C CYS A 21 -0.23 -3.17 1.02
N GLY A 22 -1.05 -2.59 1.89
CA GLY A 22 -1.66 -3.29 3.01
C GLY A 22 -2.40 -2.30 3.89
N LYS A 23 -2.75 -2.72 5.11
CA LYS A 23 -3.39 -1.86 6.10
C LYS A 23 -2.68 -1.91 7.46
N GLY A 24 -1.36 -2.09 7.40
CA GLY A 24 -0.44 -2.08 8.55
C GLY A 24 0.50 -0.87 8.53
N PRO A 25 1.25 -0.68 9.63
CA PRO A 25 2.04 0.52 9.93
C PRO A 25 2.65 1.24 8.71
N LYS A 26 3.67 0.68 8.07
CA LYS A 26 4.32 1.35 6.95
C LYS A 26 3.50 1.36 5.65
N TYR A 27 2.35 0.69 5.61
CA TYR A 27 1.44 0.75 4.46
C TYR A 27 0.43 1.88 4.61
N CYS A 28 -0.19 2.04 5.78
CA CYS A 28 -1.24 3.05 5.95
C CYS A 28 -0.98 4.06 7.08
N GLY A 29 0.18 3.98 7.74
CA GLY A 29 0.42 4.70 9.00
C GLY A 29 -0.18 3.99 10.22
N ARG A 30 -0.72 2.79 10.02
CA ARG A 30 -1.42 1.88 10.95
C ARG A 30 -2.03 0.76 10.12
N VAL A 1 5.73 -8.95 -5.79
CA VAL A 1 4.34 -9.35 -5.50
C VAL A 1 3.84 -8.55 -4.31
N GLY A 2 2.74 -7.81 -4.49
CA GLY A 2 2.22 -6.88 -3.48
C GLY A 2 2.65 -5.43 -3.71
N GLU A 3 3.20 -5.14 -4.89
CA GLU A 3 3.68 -3.82 -5.29
C GLU A 3 2.52 -2.91 -5.68
N CYS A 4 2.66 -1.60 -5.46
CA CYS A 4 1.54 -0.69 -5.68
C CYS A 4 1.39 -0.30 -7.15
N VAL A 5 0.15 -0.18 -7.59
CA VAL A 5 -0.23 0.39 -8.88
C VAL A 5 0.00 1.89 -8.79
N ARG A 6 1.27 2.31 -8.92
CA ARG A 6 1.73 3.69 -8.89
C ARG A 6 1.23 4.45 -7.64
N GLY A 7 1.10 3.68 -6.56
CA GLY A 7 0.62 4.15 -5.26
C GLY A 7 -0.76 3.60 -4.85
N ARG A 8 -1.45 2.83 -5.72
CA ARG A 8 -2.73 2.21 -5.40
C ARG A 8 -2.65 0.69 -5.37
N CYS A 9 -3.77 0.05 -5.05
CA CYS A 9 -3.94 -1.39 -4.87
C CYS A 9 -5.45 -1.60 -4.64
N PRO A 10 -5.93 -2.85 -4.49
CA PRO A 10 -7.35 -3.12 -4.31
C PRO A 10 -7.94 -2.52 -3.02
N SER A 11 -9.26 -2.73 -2.87
CA SER A 11 -10.18 -2.25 -1.84
C SER A 11 -9.59 -1.42 -0.71
N GLY A 12 -9.23 -0.18 -1.05
CA GLY A 12 -8.74 0.82 -0.10
C GLY A 12 -7.47 0.40 0.63
N MET A 13 -6.51 -0.24 -0.05
CA MET A 13 -5.18 -0.42 0.54
C MET A 13 -4.34 0.86 0.43
N CYS A 14 -3.23 0.88 1.16
CA CYS A 14 -2.28 1.98 1.24
C CYS A 14 -0.90 1.49 0.76
N CYS A 15 0.06 2.39 0.54
CA CYS A 15 1.35 2.08 -0.11
C CYS A 15 2.54 2.54 0.72
N SER A 16 3.59 1.70 0.79
CA SER A 16 4.71 1.77 1.74
C SER A 16 5.85 2.66 1.25
N GLN A 17 6.92 2.70 2.05
CA GLN A 17 8.14 3.41 1.69
C GLN A 17 8.94 2.65 0.63
N GLY A 19 7.23 0.84 -2.02
CA GLY A 19 6.37 0.60 -3.16
C GLY A 19 5.51 -0.66 -3.04
N CYS A 21 2.08 -2.60 -0.96
CA CYS A 21 0.80 -2.11 -0.47
C CYS A 21 0.17 -2.99 0.62
N GLY A 22 -0.73 -2.40 1.41
CA GLY A 22 -1.47 -3.10 2.44
C GLY A 22 -2.26 -2.10 3.29
N LYS A 23 -2.96 -2.58 4.32
CA LYS A 23 -3.64 -1.71 5.29
C LYS A 23 -2.90 -1.56 6.62
N GLY A 24 -1.73 -2.19 6.73
CA GLY A 24 -0.97 -2.21 7.98
C GLY A 24 -0.20 -0.91 8.21
N PRO A 25 0.24 -0.66 9.45
CA PRO A 25 0.91 0.57 9.86
C PRO A 25 1.96 1.06 8.86
N LYS A 26 2.95 0.21 8.53
CA LYS A 26 4.03 0.50 7.59
C LYS A 26 3.56 0.85 6.17
N TYR A 27 2.35 0.43 5.79
CA TYR A 27 1.80 0.68 4.46
C TYR A 27 0.92 1.91 4.47
N CYS A 28 0.16 2.11 5.55
CA CYS A 28 -0.85 3.15 5.59
C CYS A 28 -0.46 4.36 6.44
N GLY A 29 0.05 4.16 7.67
CA GLY A 29 0.50 5.27 8.49
C GLY A 29 1.91 5.72 8.08
N ARG A 30 2.76 4.72 7.80
CA ARG A 30 3.98 4.70 7.00
C ARG A 30 5.10 5.72 7.31
N VAL A 1 5.83 -8.46 -6.41
CA VAL A 1 4.38 -8.71 -6.56
C VAL A 1 3.67 -8.30 -5.27
N GLY A 2 2.81 -7.29 -5.37
CA GLY A 2 2.18 -6.61 -4.23
C GLY A 2 2.59 -5.14 -4.09
N GLU A 3 3.17 -4.55 -5.14
CA GLU A 3 3.62 -3.18 -5.24
C GLU A 3 2.57 -2.33 -5.95
N CYS A 4 2.41 -1.06 -5.57
CA CYS A 4 1.29 -0.29 -6.05
C CYS A 4 1.33 -0.03 -7.55
N VAL A 5 0.14 0.20 -8.10
CA VAL A 5 -0.17 0.46 -9.50
C VAL A 5 0.06 1.94 -9.78
N ARG A 6 1.31 2.37 -9.57
CA ARG A 6 1.74 3.77 -9.62
C ARG A 6 0.92 4.56 -8.59
N GLY A 7 1.07 4.14 -7.34
CA GLY A 7 0.52 4.86 -6.17
C GLY A 7 -0.91 4.47 -5.76
N ARG A 8 -1.58 3.56 -6.48
CA ARG A 8 -2.88 3.03 -6.09
C ARG A 8 -2.77 1.51 -5.87
N CYS A 9 -3.76 0.89 -5.23
CA CYS A 9 -3.87 -0.55 -5.09
C CYS A 9 -5.32 -0.91 -4.70
N PRO A 10 -5.72 -2.18 -4.73
CA PRO A 10 -7.10 -2.59 -4.51
C PRO A 10 -7.43 -2.70 -3.01
N SER A 11 -8.67 -3.08 -2.69
CA SER A 11 -9.14 -3.38 -1.33
C SER A 11 -8.85 -2.30 -0.30
N GLY A 12 -8.80 -1.07 -0.79
CA GLY A 12 -8.39 0.13 -0.08
C GLY A 12 -7.06 -0.05 0.65
N MET A 13 -6.10 -0.77 0.08
CA MET A 13 -4.77 -0.87 0.67
C MET A 13 -3.96 0.41 0.42
N CYS A 14 -2.87 0.58 1.16
CA CYS A 14 -2.01 1.75 1.11
C CYS A 14 -0.61 1.35 0.66
N CYS A 15 0.13 2.30 0.07
CA CYS A 15 1.47 2.09 -0.46
C CYS A 15 2.54 2.39 0.61
N SER A 16 3.42 1.43 0.87
CA SER A 16 4.46 1.51 1.90
C SER A 16 5.70 2.25 1.43
N GLN A 17 6.73 2.29 2.28
CA GLN A 17 8.04 2.78 1.89
C GLN A 17 8.82 1.80 1.00
N GLY A 19 6.82 0.91 -1.56
CA GLY A 19 5.74 1.02 -2.54
C GLY A 19 4.75 -0.13 -2.45
N CYS A 21 1.69 -2.80 -1.00
CA CYS A 21 0.27 -2.58 -0.75
C CYS A 21 -0.20 -3.28 0.53
N GLY A 22 -0.62 -2.54 1.56
CA GLY A 22 -1.32 -3.16 2.68
C GLY A 22 -2.06 -2.15 3.54
N LYS A 23 -2.76 -2.63 4.57
CA LYS A 23 -3.38 -1.80 5.60
C LYS A 23 -2.48 -1.74 6.83
N GLY A 24 -2.81 -0.87 7.79
CA GLY A 24 -2.06 -0.77 9.03
C GLY A 24 -0.74 0.00 8.89
N PRO A 25 0.01 0.10 9.99
CA PRO A 25 1.14 1.01 10.16
C PRO A 25 2.13 1.02 8.99
N LYS A 26 2.95 -0.02 8.81
CA LYS A 26 4.09 0.02 7.89
C LYS A 26 3.69 0.25 6.43
N TYR A 27 2.48 -0.11 6.04
CA TYR A 27 1.99 0.13 4.69
C TYR A 27 1.37 1.51 4.57
N CYS A 28 0.54 1.90 5.54
CA CYS A 28 -0.32 3.04 5.37
C CYS A 28 0.24 4.32 6.02
N GLY A 29 0.92 4.20 7.16
CA GLY A 29 1.62 5.32 7.81
C GLY A 29 3.13 5.28 7.62
N ARG A 30 3.72 4.09 7.41
CA ARG A 30 5.14 3.79 7.19
C ARG A 30 6.00 4.00 8.42
N VAL A 1 4.88 -8.17 -8.46
CA VAL A 1 3.61 -8.33 -7.73
C VAL A 1 3.77 -7.79 -6.31
N GLY A 2 2.69 -7.52 -5.58
CA GLY A 2 2.73 -6.96 -4.22
C GLY A 2 3.13 -5.47 -4.18
N GLU A 3 4.01 -5.06 -5.09
CA GLU A 3 4.26 -3.68 -5.49
C GLU A 3 2.98 -2.87 -5.68
N CYS A 4 3.05 -1.54 -5.52
CA CYS A 4 1.87 -0.71 -5.66
C CYS A 4 1.54 -0.40 -7.13
N VAL A 5 0.28 -0.07 -7.41
CA VAL A 5 -0.18 0.37 -8.72
C VAL A 5 0.13 1.86 -8.84
N ARG A 6 1.43 2.17 -8.78
CA ARG A 6 2.09 3.46 -9.06
C ARG A 6 1.36 4.61 -8.36
N GLY A 7 0.87 4.29 -7.16
CA GLY A 7 0.13 5.19 -6.27
C GLY A 7 -1.14 4.58 -5.68
N ARG A 8 -1.67 3.47 -6.20
CA ARG A 8 -2.89 2.84 -5.65
C ARG A 8 -2.74 1.33 -5.51
N CYS A 9 -3.82 0.69 -5.09
CA CYS A 9 -4.01 -0.74 -4.96
C CYS A 9 -5.50 -0.98 -4.68
N PRO A 10 -5.95 -2.24 -4.52
CA PRO A 10 -7.34 -2.60 -4.27
C PRO A 10 -7.98 -1.96 -3.01
N SER A 11 -9.23 -2.39 -2.77
CA SER A 11 -10.15 -2.04 -1.70
C SER A 11 -9.50 -1.61 -0.38
N GLY A 12 -9.34 -0.29 -0.21
CA GLY A 12 -8.79 0.28 1.01
C GLY A 12 -7.38 -0.23 1.34
N MET A 13 -6.60 -0.63 0.34
CA MET A 13 -5.18 -0.91 0.53
C MET A 13 -4.38 0.40 0.47
N CYS A 14 -3.15 0.37 0.95
CA CYS A 14 -2.26 1.53 0.97
C CYS A 14 -0.83 1.11 0.62
N CYS A 15 0.04 2.06 0.27
CA CYS A 15 1.38 1.82 -0.28
C CYS A 15 2.49 2.25 0.68
N SER A 16 3.53 1.42 0.86
CA SER A 16 4.60 1.63 1.84
C SER A 16 5.77 2.43 1.29
N GLN A 17 6.72 2.80 2.16
CA GLN A 17 7.97 3.40 1.72
C GLN A 17 8.78 2.48 0.82
N GLY A 19 7.34 0.66 -1.60
CA GLY A 19 6.61 0.51 -2.85
C GLY A 19 5.72 -0.72 -2.89
N CYS A 21 2.14 -2.87 -1.26
CA CYS A 21 0.82 -2.58 -0.74
C CYS A 21 0.42 -3.44 0.46
N GLY A 22 -0.41 -2.87 1.34
CA GLY A 22 -1.00 -3.59 2.45
C GLY A 22 -2.01 -2.72 3.18
N LYS A 23 -2.35 -3.10 4.42
CA LYS A 23 -3.12 -2.29 5.36
C LYS A 23 -2.29 -2.09 6.62
N GLY A 24 -2.76 -1.24 7.54
CA GLY A 24 -2.03 -0.99 8.78
C GLY A 24 -0.78 -0.12 8.59
N PRO A 25 0.01 0.06 9.66
CA PRO A 25 1.06 1.05 9.79
C PRO A 25 1.96 1.24 8.57
N LYS A 26 2.95 0.37 8.32
CA LYS A 26 4.00 0.62 7.34
C LYS A 26 3.49 0.73 5.90
N TYR A 27 2.31 0.21 5.61
CA TYR A 27 1.71 0.37 4.29
C TYR A 27 0.87 1.62 4.21
N CYS A 28 0.10 1.93 5.25
CA CYS A 28 -0.87 3.00 5.17
C CYS A 28 -0.40 4.29 5.82
N GLY A 29 0.19 4.23 7.01
CA GLY A 29 0.74 5.41 7.70
C GLY A 29 2.25 5.57 7.51
N ARG A 30 2.94 4.52 7.05
CA ARG A 30 4.38 4.44 6.75
C ARG A 30 5.27 4.56 8.00
N VAL A 1 -0.66 -5.30 -4.30
CA VAL A 1 -0.71 -6.01 -3.01
C VAL A 1 0.65 -6.61 -2.73
N GLY A 2 1.24 -6.37 -1.55
CA GLY A 2 2.66 -6.65 -1.32
C GLY A 2 3.49 -5.58 -2.04
N GLU A 3 3.40 -5.55 -3.37
CA GLU A 3 3.75 -4.39 -4.18
C GLU A 3 2.60 -3.37 -4.20
N CYS A 4 2.86 -2.12 -4.60
CA CYS A 4 1.80 -1.18 -4.94
C CYS A 4 1.57 -1.16 -6.45
N VAL A 5 0.32 -0.94 -6.84
CA VAL A 5 -0.15 -0.92 -8.22
C VAL A 5 0.25 0.43 -8.81
N ARG A 6 1.53 0.54 -9.13
CA ARG A 6 2.17 1.70 -9.77
C ARG A 6 1.82 2.99 -9.03
N GLY A 7 1.79 2.86 -7.70
CA GLY A 7 1.49 3.94 -6.76
C GLY A 7 0.15 3.79 -6.03
N ARG A 8 -0.75 2.91 -6.49
CA ARG A 8 -2.06 2.69 -5.84
C ARG A 8 -2.09 1.30 -5.20
N CYS A 9 -3.27 0.91 -4.73
CA CYS A 9 -3.63 -0.46 -4.45
C CYS A 9 -5.17 -0.50 -4.43
N PRO A 10 -5.84 -1.64 -4.17
CA PRO A 10 -7.29 -1.66 -4.16
C PRO A 10 -7.85 -0.75 -3.05
N SER A 11 -9.03 -0.20 -3.30
CA SER A 11 -9.63 0.86 -2.47
C SER A 11 -10.02 0.35 -1.09
N GLY A 12 -9.02 0.23 -0.23
CA GLY A 12 -9.11 -0.33 1.11
C GLY A 12 -7.76 -0.83 1.64
N MET A 13 -6.80 -1.17 0.76
CA MET A 13 -5.40 -1.34 1.14
C MET A 13 -4.69 0.02 1.06
N CYS A 14 -3.44 0.08 1.51
CA CYS A 14 -2.62 1.29 1.50
C CYS A 14 -1.22 0.98 0.94
N CYS A 15 -0.46 2.03 0.61
CA CYS A 15 0.87 1.91 -0.01
C CYS A 15 1.94 2.64 0.81
N SER A 16 3.11 2.02 0.99
CA SER A 16 4.29 2.70 1.55
C SER A 16 5.11 3.32 0.42
N GLN A 17 5.84 4.40 0.75
CA GLN A 17 6.74 5.06 -0.19
C GLN A 17 7.93 4.18 -0.63
N GLY A 19 7.08 1.49 -2.28
CA GLY A 19 6.42 0.84 -3.41
C GLY A 19 5.71 -0.46 -3.01
N CYS A 21 2.60 -2.54 -0.57
CA CYS A 21 1.22 -2.24 -0.16
C CYS A 21 0.57 -3.34 0.68
N GLY A 22 -0.38 -2.91 1.51
CA GLY A 22 -1.17 -3.73 2.43
C GLY A 22 -2.00 -2.80 3.31
N LYS A 23 -2.78 -3.33 4.25
CA LYS A 23 -3.56 -2.50 5.17
C LYS A 23 -2.88 -2.25 6.52
N GLY A 24 -1.71 -2.85 6.72
CA GLY A 24 -0.99 -2.79 7.99
C GLY A 24 -0.39 -1.40 8.26
N PRO A 25 -0.10 -1.08 9.53
CA PRO A 25 0.42 0.21 9.96
C PRO A 25 1.55 0.74 9.08
N LYS A 26 2.57 -0.08 8.80
CA LYS A 26 3.71 0.38 7.99
C LYS A 26 3.39 0.57 6.51
N TYR A 27 2.28 0.01 6.02
CA TYR A 27 1.81 0.29 4.66
C TYR A 27 0.92 1.53 4.63
N CYS A 28 0.13 1.71 5.68
CA CYS A 28 -0.90 2.73 5.72
C CYS A 28 -0.45 4.00 6.47
N GLY A 29 -0.02 3.88 7.73
CA GLY A 29 0.48 5.01 8.54
C GLY A 29 2.00 5.13 8.54
N ARG A 30 2.73 4.20 7.90
CA ARG A 30 4.19 4.12 7.80
C ARG A 30 4.87 3.75 9.13
N VAL A 1 4.66 -9.18 -2.06
CA VAL A 1 3.20 -9.18 -1.80
C VAL A 1 2.74 -7.76 -1.57
N GLY A 2 1.62 -7.36 -2.17
CA GLY A 2 1.13 -5.99 -2.03
C GLY A 2 1.78 -4.98 -2.99
N GLU A 3 2.61 -5.43 -3.95
CA GLU A 3 3.19 -4.59 -5.01
C GLU A 3 2.19 -3.65 -5.67
N CYS A 4 2.19 -2.37 -5.26
CA CYS A 4 1.26 -1.37 -5.76
C CYS A 4 1.52 -1.00 -7.22
N VAL A 5 0.54 -0.37 -7.87
CA VAL A 5 0.70 0.26 -9.19
C VAL A 5 1.42 1.61 -9.07
N ARG A 6 2.55 1.59 -8.37
CA ARG A 6 3.40 2.73 -8.02
C ARG A 6 2.63 3.83 -7.28
N GLY A 7 1.66 3.39 -6.48
CA GLY A 7 0.94 4.25 -5.55
C GLY A 7 -0.44 3.74 -5.11
N ARG A 8 -1.08 2.85 -5.88
CA ARG A 8 -2.40 2.29 -5.53
C ARG A 8 -2.45 0.77 -5.58
N CYS A 9 -3.54 0.22 -5.05
CA CYS A 9 -3.76 -1.20 -4.80
C CYS A 9 -5.27 -1.47 -4.78
N PRO A 10 -5.69 -2.75 -4.71
CA PRO A 10 -7.08 -3.10 -4.45
C PRO A 10 -7.55 -2.58 -3.09
N SER A 11 -8.87 -2.69 -2.87
CA SER A 11 -9.60 -2.23 -1.68
C SER A 11 -9.08 -0.94 -1.06
N GLY A 12 -8.70 -0.03 -1.94
CA GLY A 12 -8.16 1.30 -1.63
C GLY A 12 -6.89 1.32 -0.79
N MET A 13 -6.23 0.18 -0.55
CA MET A 13 -5.26 0.04 0.55
C MET A 13 -4.15 1.09 0.56
N CYS A 14 -3.45 1.22 1.69
CA CYS A 14 -2.36 2.19 1.78
C CYS A 14 -1.10 1.54 1.24
N CYS A 15 -0.26 2.29 0.54
CA CYS A 15 1.06 1.85 0.11
C CYS A 15 2.14 2.49 0.97
N SER A 16 3.13 1.72 1.43
CA SER A 16 4.43 2.28 1.79
C SER A 16 5.07 2.84 0.51
N GLN A 17 5.99 3.78 0.65
CA GLN A 17 6.43 4.59 -0.50
C GLN A 17 7.43 3.87 -1.41
N GLY A 19 6.09 1.42 -2.72
CA GLY A 19 4.95 0.97 -3.52
C GLY A 19 4.52 -0.44 -3.14
N CYS A 21 1.51 -2.42 -0.46
CA CYS A 21 0.32 -2.04 0.30
C CYS A 21 -0.19 -3.03 1.33
N GLY A 22 -1.07 -2.53 2.20
CA GLY A 22 -1.88 -3.37 3.07
C GLY A 22 -2.46 -2.61 4.27
N LYS A 23 -3.42 -3.22 4.96
CA LYS A 23 -4.11 -2.63 6.11
C LYS A 23 -3.25 -2.69 7.38
N GLY A 24 -2.03 -2.14 7.33
CA GLY A 24 -1.12 -2.19 8.48
C GLY A 24 -0.19 -0.97 8.58
N PRO A 25 0.32 -0.69 9.78
CA PRO A 25 1.07 0.52 10.07
C PRO A 25 2.33 0.62 9.21
N LYS A 26 3.07 -0.49 9.06
CA LYS A 26 4.26 -0.52 8.20
C LYS A 26 3.99 -0.25 6.73
N TYR A 27 2.73 -0.27 6.30
CA TYR A 27 2.33 0.17 4.96
C TYR A 27 1.79 1.60 5.03
N CYS A 28 0.78 1.84 5.87
CA CYS A 28 0.05 3.09 5.83
C CYS A 28 0.79 4.22 6.55
N GLY A 29 1.37 3.92 7.72
CA GLY A 29 2.21 4.84 8.49
C GLY A 29 3.68 4.76 8.11
N ARG A 30 4.11 3.64 7.53
CA ARG A 30 5.45 3.26 7.04
C ARG A 30 6.57 3.26 8.07
N VAL A 1 6.41 -8.95 -5.63
CA VAL A 1 5.74 -9.55 -4.45
C VAL A 1 5.04 -8.50 -3.57
N GLY A 2 4.00 -7.86 -4.11
CA GLY A 2 3.06 -7.02 -3.35
C GLY A 2 3.06 -5.54 -3.76
N GLU A 3 3.67 -5.20 -4.90
CA GLU A 3 3.98 -3.86 -5.34
C GLU A 3 2.73 -3.01 -5.63
N CYS A 4 2.83 -1.68 -5.54
CA CYS A 4 1.69 -0.80 -5.73
C CYS A 4 1.45 -0.46 -7.20
N VAL A 5 0.19 -0.16 -7.53
CA VAL A 5 -0.24 0.37 -8.81
C VAL A 5 0.16 1.84 -8.85
N ARG A 6 1.45 2.09 -9.06
CA ARG A 6 2.07 3.43 -9.11
C ARG A 6 1.70 4.29 -7.90
N GLY A 7 1.54 3.61 -6.77
CA GLY A 7 1.18 4.20 -5.48
C GLY A 7 -0.23 3.86 -4.97
N ARG A 8 -1.08 3.18 -5.76
CA ARG A 8 -2.41 2.76 -5.33
C ARG A 8 -2.53 1.24 -5.30
N CYS A 9 -3.71 0.75 -4.89
CA CYS A 9 -4.05 -0.66 -4.84
C CYS A 9 -5.58 -0.77 -4.68
N PRO A 10 -6.13 -1.99 -4.76
CA PRO A 10 -7.57 -2.23 -4.60
C PRO A 10 -8.03 -2.13 -3.14
N SER A 11 -9.32 -2.42 -2.94
CA SER A 11 -10.01 -2.70 -1.69
C SER A 11 -9.55 -1.91 -0.47
N GLY A 12 -9.34 -0.62 -0.70
CA GLY A 12 -8.91 0.34 0.31
C GLY A 12 -7.61 -0.07 1.00
N MET A 13 -6.64 -0.60 0.27
CA MET A 13 -5.28 -0.73 0.82
C MET A 13 -4.49 0.56 0.63
N CYS A 14 -3.32 0.65 1.28
CA CYS A 14 -2.43 1.80 1.19
C CYS A 14 -1.04 1.33 0.71
N CYS A 15 -0.21 2.27 0.25
CA CYS A 15 1.11 1.95 -0.33
C CYS A 15 2.26 2.38 0.60
N SER A 16 3.24 1.50 0.77
CA SER A 16 4.42 1.67 1.61
C SER A 16 5.34 2.77 1.09
N GLN A 17 6.47 2.90 1.77
CA GLN A 17 7.61 3.65 1.31
C GLN A 17 8.54 2.76 0.49
N GLY A 19 7.31 0.62 -1.77
CA GLY A 19 6.62 0.38 -3.03
C GLY A 19 5.60 -0.77 -3.02
N CYS A 21 1.96 -2.76 -1.12
CA CYS A 21 0.66 -2.40 -0.54
C CYS A 21 0.30 -3.18 0.72
N GLY A 22 -0.56 -2.58 1.56
CA GLY A 22 -1.22 -3.30 2.64
C GLY A 22 -2.14 -2.36 3.43
N LYS A 23 -2.77 -2.89 4.49
CA LYS A 23 -3.55 -2.06 5.44
C LYS A 23 -2.81 -1.80 6.76
N GLY A 24 -1.58 -2.29 6.87
CA GLY A 24 -0.79 -2.17 8.09
C GLY A 24 -0.14 -0.79 8.23
N PRO A 25 0.35 -0.46 9.42
CA PRO A 25 0.85 0.87 9.75
C PRO A 25 1.90 1.36 8.75
N LYS A 26 2.94 0.55 8.48
CA LYS A 26 3.97 0.91 7.51
C LYS A 26 3.45 1.07 6.08
N TYR A 27 2.32 0.44 5.74
CA TYR A 27 1.73 0.59 4.41
C TYR A 27 0.86 1.83 4.33
N CYS A 28 0.16 2.15 5.41
CA CYS A 28 -0.77 3.27 5.42
C CYS A 28 -0.25 4.48 6.21
N GLY A 29 -0.32 4.48 7.54
CA GLY A 29 -0.02 5.66 8.36
C GLY A 29 1.47 5.99 8.48
N ARG A 30 2.34 5.05 8.09
CA ARG A 30 3.79 5.07 7.88
C ARG A 30 4.72 5.60 8.98
N VAL A 1 7.94 -7.24 -2.84
CA VAL A 1 6.84 -8.20 -3.07
C VAL A 1 5.64 -7.80 -2.23
N GLY A 2 4.43 -8.03 -2.75
CA GLY A 2 3.26 -7.32 -2.25
C GLY A 2 3.33 -5.88 -2.72
N GLU A 3 3.12 -5.66 -4.01
CA GLU A 3 3.31 -4.36 -4.64
C GLU A 3 2.02 -3.55 -4.64
N CYS A 4 2.11 -2.22 -4.62
CA CYS A 4 1.07 -1.40 -5.23
C CYS A 4 1.34 -1.37 -6.74
N VAL A 5 0.48 -0.69 -7.51
CA VAL A 5 0.76 -0.28 -8.89
C VAL A 5 1.71 0.92 -8.86
N ARG A 6 2.79 0.79 -8.07
CA ARG A 6 3.73 1.80 -7.58
C ARG A 6 3.09 3.16 -7.32
N GLY A 7 1.87 3.07 -6.78
CA GLY A 7 1.08 4.25 -6.37
C GLY A 7 -0.30 3.93 -5.79
N ARG A 8 -1.02 2.93 -6.31
CA ARG A 8 -2.33 2.54 -5.78
C ARG A 8 -2.48 1.03 -5.60
N CYS A 9 -3.54 0.63 -4.90
CA CYS A 9 -3.89 -0.75 -4.61
C CYS A 9 -5.42 -0.77 -4.32
N PRO A 10 -6.07 -1.93 -4.14
CA PRO A 10 -7.52 -2.00 -3.98
C PRO A 10 -8.11 -1.34 -2.73
N SER A 11 -9.43 -1.41 -2.64
CA SER A 11 -10.32 -0.93 -1.57
C SER A 11 -9.69 -0.91 -0.18
N GLY A 12 -9.31 0.28 0.28
CA GLY A 12 -8.80 0.47 1.64
C GLY A 12 -7.36 0.00 1.86
N MET A 13 -6.71 -0.58 0.85
CA MET A 13 -5.29 -0.89 0.96
C MET A 13 -4.46 0.38 0.74
N CYS A 14 -3.21 0.35 1.18
CA CYS A 14 -2.34 1.52 1.21
C CYS A 14 -0.93 1.12 0.75
N CYS A 15 -0.11 2.12 0.43
CA CYS A 15 1.20 1.91 -0.16
C CYS A 15 2.30 2.46 0.73
N SER A 16 3.29 1.66 1.12
CA SER A 16 4.47 2.23 1.77
C SER A 16 5.29 3.02 0.74
N GLN A 17 6.13 3.95 1.19
CA GLN A 17 6.90 4.83 0.29
C GLN A 17 7.89 4.09 -0.62
N GLY A 19 6.72 1.63 -2.46
CA GLY A 19 5.78 1.21 -3.50
C GLY A 19 5.09 -0.12 -3.21
N CYS A 21 2.37 -2.70 -1.10
CA CYS A 21 0.97 -2.57 -0.73
C CYS A 21 0.61 -3.36 0.53
N GLY A 22 -0.30 -2.83 1.34
CA GLY A 22 -1.05 -3.62 2.31
C GLY A 22 -2.06 -2.78 3.09
N LYS A 23 -2.81 -3.41 3.98
CA LYS A 23 -3.78 -2.71 4.83
C LYS A 23 -3.15 -1.99 6.02
N GLY A 24 -2.04 -2.55 6.47
CA GLY A 24 -1.48 -2.35 7.81
C GLY A 24 -0.62 -1.09 7.98
N PRO A 25 -0.27 -0.76 9.23
CA PRO A 25 0.33 0.52 9.59
C PRO A 25 1.61 0.81 8.81
N LYS A 26 2.52 -0.16 8.66
CA LYS A 26 3.75 0.04 7.89
C LYS A 26 3.51 0.44 6.43
N TYR A 27 2.32 0.14 5.88
CA TYR A 27 1.91 0.60 4.56
C TYR A 27 1.11 1.89 4.66
N CYS A 28 0.16 1.94 5.58
CA CYS A 28 -0.89 2.96 5.55
C CYS A 28 -0.61 4.18 6.45
N GLY A 29 0.19 4.00 7.51
CA GLY A 29 0.69 5.08 8.37
C GLY A 29 2.21 5.15 8.44
N ARG A 30 2.91 4.23 7.75
CA ARG A 30 4.37 4.09 7.61
C ARG A 30 5.06 3.65 8.90
N VAL A 1 4.50 -4.29 -10.44
CA VAL A 1 3.29 -4.55 -9.62
C VAL A 1 3.59 -5.72 -8.71
N GLY A 2 3.15 -5.63 -7.46
CA GLY A 2 3.75 -6.32 -6.31
C GLY A 2 4.18 -5.25 -5.31
N GLU A 3 4.87 -4.23 -5.83
CA GLU A 3 4.62 -2.85 -5.39
C GLU A 3 3.24 -2.39 -5.91
N CYS A 4 2.73 -1.27 -5.40
CA CYS A 4 1.49 -0.69 -5.91
C CYS A 4 1.52 -0.46 -7.42
N VAL A 5 0.34 -0.17 -7.98
CA VAL A 5 0.16 0.20 -9.38
C VAL A 5 0.52 1.68 -9.57
N ARG A 6 1.73 2.03 -9.14
CA ARG A 6 2.37 3.35 -9.24
C ARG A 6 1.44 4.47 -8.75
N GLY A 7 0.69 4.13 -7.72
CA GLY A 7 -0.19 5.06 -7.00
C GLY A 7 -1.30 4.40 -6.19
N ARG A 8 -1.74 3.18 -6.54
CA ARG A 8 -2.79 2.49 -5.80
C ARG A 8 -2.52 1.00 -5.60
N CYS A 9 -3.28 0.42 -4.67
CA CYS A 9 -3.58 -0.99 -4.58
C CYS A 9 -5.11 -1.11 -4.39
N PRO A 10 -5.64 -2.33 -4.25
CA PRO A 10 -7.08 -2.59 -4.08
C PRO A 10 -7.78 -1.85 -2.92
N SER A 11 -9.06 -2.19 -2.76
CA SER A 11 -10.05 -1.69 -1.80
C SER A 11 -9.48 -1.22 -0.47
N GLY A 12 -9.22 0.08 -0.36
CA GLY A 12 -8.74 0.70 0.86
C GLY A 12 -7.41 0.15 1.35
N MET A 13 -6.56 -0.36 0.46
CA MET A 13 -5.15 -0.60 0.79
C MET A 13 -4.37 0.72 0.78
N CYS A 14 -3.13 0.71 1.23
CA CYS A 14 -2.17 1.79 0.99
C CYS A 14 -0.82 1.20 0.55
N CYS A 15 0.09 2.06 0.10
CA CYS A 15 1.45 1.71 -0.29
C CYS A 15 2.44 2.12 0.81
N SER A 16 3.55 1.39 0.98
CA SER A 16 4.58 1.74 1.97
C SER A 16 5.70 2.56 1.35
N GLN A 17 6.63 3.01 2.19
CA GLN A 17 7.91 3.56 1.71
C GLN A 17 8.71 2.58 0.84
N GLY A 19 7.00 0.81 -1.59
CA GLY A 19 6.11 0.65 -2.74
C GLY A 19 5.11 -0.51 -2.60
N CYS A 21 2.32 -2.94 -0.69
CA CYS A 21 1.02 -2.42 -0.27
C CYS A 21 0.27 -3.31 0.72
N GLY A 22 -0.68 -2.71 1.45
CA GLY A 22 -1.45 -3.40 2.48
C GLY A 22 -2.20 -2.41 3.37
N LYS A 23 -2.78 -2.89 4.47
CA LYS A 23 -3.50 -2.04 5.45
C LYS A 23 -2.73 -1.79 6.75
N GLY A 24 -1.57 -2.42 6.90
CA GLY A 24 -0.79 -2.33 8.13
C GLY A 24 -0.05 -0.99 8.27
N PRO A 25 0.44 -0.65 9.47
CA PRO A 25 1.01 0.65 9.81
C PRO A 25 1.93 1.24 8.74
N LYS A 26 3.03 0.56 8.39
CA LYS A 26 3.99 1.07 7.41
C LYS A 26 3.42 1.19 5.99
N TYR A 27 2.28 0.56 5.70
CA TYR A 27 1.57 0.79 4.44
C TYR A 27 0.61 1.97 4.59
N CYS A 28 -0.28 1.91 5.58
CA CYS A 28 -1.50 2.69 5.58
C CYS A 28 -1.67 3.62 6.79
N GLY A 29 -0.81 3.50 7.81
CA GLY A 29 -0.59 4.59 8.77
C GLY A 29 0.24 5.69 8.09
N ARG A 30 -0.32 6.26 7.02
CA ARG A 30 0.48 6.72 5.88
C ARG A 30 1.43 7.88 6.20
N VAL A 1 6.76 -9.22 -5.05
CA VAL A 1 5.30 -9.40 -5.21
C VAL A 1 4.59 -8.53 -4.20
N GLY A 2 3.50 -7.88 -4.59
CA GLY A 2 2.79 -6.91 -3.75
C GLY A 2 3.16 -5.46 -4.07
N GLU A 3 4.02 -5.23 -5.06
CA GLU A 3 4.44 -3.91 -5.53
C GLU A 3 3.24 -3.11 -6.04
N CYS A 4 2.97 -1.94 -5.46
CA CYS A 4 1.75 -1.20 -5.78
C CYS A 4 1.78 -0.47 -7.12
N VAL A 5 0.59 -0.04 -7.52
CA VAL A 5 0.37 0.90 -8.62
C VAL A 5 0.62 2.30 -8.10
N ARG A 6 1.84 2.52 -7.59
CA ARG A 6 2.44 3.76 -7.10
C ARG A 6 1.50 4.59 -6.24
N GLY A 7 0.71 3.86 -5.46
CA GLY A 7 -0.34 4.38 -4.59
C GLY A 7 -1.66 3.59 -4.67
N ARG A 8 -1.81 2.69 -5.64
CA ARG A 8 -3.03 1.87 -5.75
C ARG A 8 -2.79 0.37 -5.81
N CYS A 9 -3.89 -0.33 -5.59
CA CYS A 9 -4.09 -1.71 -5.20
C CYS A 9 -5.57 -1.82 -4.79
N PRO A 10 -6.04 -3.00 -4.36
CA PRO A 10 -7.43 -3.26 -4.02
C PRO A 10 -8.07 -2.33 -2.98
N SER A 11 -9.35 -2.64 -2.72
CA SER A 11 -10.29 -1.96 -1.80
C SER A 11 -9.62 -1.23 -0.64
N GLY A 12 -9.47 0.09 -0.77
CA GLY A 12 -9.02 0.94 0.33
C GLY A 12 -7.58 0.70 0.80
N MET A 13 -6.79 -0.13 0.10
CA MET A 13 -5.40 -0.37 0.51
C MET A 13 -4.52 0.85 0.24
N CYS A 14 -3.32 0.85 0.82
CA CYS A 14 -2.34 1.91 0.72
C CYS A 14 -1.01 1.33 0.26
N CYS A 15 0.00 2.18 0.00
CA CYS A 15 1.32 1.73 -0.44
C CYS A 15 2.45 2.27 0.44
N SER A 16 3.40 1.40 0.80
CA SER A 16 4.54 1.74 1.65
C SER A 16 5.56 2.59 0.91
N GLN A 17 6.48 3.21 1.65
CA GLN A 17 7.60 3.90 1.04
C GLN A 17 8.58 2.93 0.37
N GLY A 19 7.21 0.71 -1.61
CA GLY A 19 6.50 0.49 -2.86
C GLY A 19 5.56 -0.70 -2.86
N CYS A 21 1.95 -2.91 -1.28
CA CYS A 21 0.58 -2.65 -0.85
C CYS A 21 0.24 -3.20 0.54
N GLY A 22 -0.60 -2.47 1.29
CA GLY A 22 -1.32 -3.01 2.42
C GLY A 22 -2.09 -1.88 3.12
N LYS A 23 -2.77 -2.16 4.22
CA LYS A 23 -3.34 -1.10 5.07
C LYS A 23 -2.69 -1.03 6.47
N GLY A 24 -1.64 -1.82 6.67
CA GLY A 24 -0.93 -1.93 7.94
C GLY A 24 0.04 -0.78 8.21
N PRO A 25 0.67 -0.80 9.40
CA PRO A 25 1.40 0.30 10.01
C PRO A 25 2.68 0.73 9.29
N LYS A 26 3.09 0.04 8.22
CA LYS A 26 4.09 0.56 7.30
C LYS A 26 3.58 0.75 5.87
N TYR A 27 2.36 0.33 5.54
CA TYR A 27 1.84 0.48 4.19
C TYR A 27 1.03 1.75 4.07
N CYS A 28 0.13 2.03 5.01
CA CYS A 28 -0.65 3.24 4.91
C CYS A 28 0.11 4.44 5.48
N GLY A 29 1.25 4.73 4.83
CA GLY A 29 2.24 5.72 5.25
C GLY A 29 2.95 5.28 6.53
N ARG A 30 2.18 5.26 7.62
CA ARG A 30 2.53 4.69 8.92
C ARG A 30 1.32 4.14 9.71
N VAL A 1 6.43 -8.41 -7.12
CA VAL A 1 5.06 -8.91 -6.95
C VAL A 1 4.56 -8.54 -5.57
N GLY A 2 3.53 -7.69 -5.50
CA GLY A 2 3.01 -7.10 -4.26
C GLY A 2 3.30 -5.60 -4.14
N GLU A 3 3.89 -5.00 -5.17
CA GLU A 3 4.14 -3.56 -5.31
C GLU A 3 2.86 -2.82 -5.68
N CYS A 4 2.74 -1.56 -5.25
CA CYS A 4 1.52 -0.82 -5.51
C CYS A 4 1.43 -0.27 -6.93
N VAL A 5 0.19 0.00 -7.34
CA VAL A 5 -0.15 0.60 -8.62
C VAL A 5 0.11 2.09 -8.52
N ARG A 6 1.41 2.46 -8.48
CA ARG A 6 1.95 3.83 -8.45
C ARG A 6 1.19 4.75 -7.49
N GLY A 7 0.74 4.16 -6.39
CA GLY A 7 -0.07 4.82 -5.37
C GLY A 7 -1.27 3.99 -4.87
N ARG A 8 -1.75 3.01 -5.65
CA ARG A 8 -2.99 2.29 -5.32
C ARG A 8 -2.81 0.78 -5.24
N CYS A 9 -3.88 0.10 -4.88
CA CYS A 9 -4.06 -1.33 -4.68
C CYS A 9 -5.53 -1.51 -4.29
N PRO A 10 -5.99 -2.72 -3.92
CA PRO A 10 -7.37 -2.98 -3.51
C PRO A 10 -7.93 -2.09 -2.40
N SER A 11 -9.20 -2.37 -2.05
CA SER A 11 -10.01 -1.70 -1.03
C SER A 11 -9.23 -1.27 0.21
N GLY A 12 -8.97 0.03 0.36
CA GLY A 12 -8.37 0.57 1.57
C GLY A 12 -6.86 0.35 1.69
N MET A 13 -6.19 -0.18 0.65
CA MET A 13 -4.75 -0.37 0.68
C MET A 13 -4.00 0.94 0.39
N CYS A 14 -2.69 0.96 0.68
CA CYS A 14 -1.76 2.00 0.24
C CYS A 14 -0.43 1.36 -0.14
N CYS A 15 0.52 2.15 -0.66
CA CYS A 15 1.92 1.76 -0.78
C CYS A 15 2.63 1.84 0.58
N SER A 16 3.75 1.12 0.72
CA SER A 16 4.76 1.47 1.70
C SER A 16 5.82 2.37 1.06
N GLN A 17 6.64 3.01 1.90
CA GLN A 17 7.90 3.60 1.49
C GLN A 17 8.90 2.58 0.89
N GLY A 19 7.49 0.47 -1.58
CA GLY A 19 6.80 0.18 -2.83
C GLY A 19 5.76 -0.94 -2.76
N CYS A 21 2.51 -2.93 -1.34
CA CYS A 21 1.22 -2.38 -0.94
C CYS A 21 0.56 -3.17 0.18
N GLY A 22 -0.37 -2.54 0.90
CA GLY A 22 -1.10 -3.22 1.96
C GLY A 22 -2.03 -2.28 2.72
N LYS A 23 -2.78 -2.84 3.69
CA LYS A 23 -3.76 -2.09 4.48
C LYS A 23 -3.21 -1.54 5.79
N GLY A 24 -2.11 -2.14 6.25
CA GLY A 24 -1.56 -1.96 7.59
C GLY A 24 -0.68 -0.72 7.75
N PRO A 25 -0.26 -0.41 9.00
CA PRO A 25 0.41 0.82 9.39
C PRO A 25 1.43 1.35 8.39
N LYS A 26 2.55 0.63 8.19
CA LYS A 26 3.65 1.06 7.32
C LYS A 26 3.27 1.19 5.84
N TYR A 27 2.09 0.73 5.44
CA TYR A 27 1.54 1.05 4.14
C TYR A 27 0.62 2.27 4.27
N CYS A 28 -0.44 2.13 5.08
CA CYS A 28 -1.64 2.92 4.95
C CYS A 28 -2.12 3.54 6.28
N GLY A 29 -1.40 3.30 7.39
CA GLY A 29 -1.39 4.25 8.51
C GLY A 29 -0.32 5.32 8.31
N ARG A 30 0.65 5.03 7.45
CA ARG A 30 1.58 5.92 6.74
C ARG A 30 2.66 6.55 7.61
N VAL A 1 10.47 -5.13 -6.15
CA VAL A 1 10.41 -6.18 -7.19
C VAL A 1 8.97 -6.54 -7.52
N GLY A 2 8.18 -5.54 -7.93
CA GLY A 2 6.76 -5.73 -8.19
C GLY A 2 5.98 -4.44 -7.99
N GLU A 3 5.88 -4.01 -6.73
CA GLU A 3 5.38 -2.73 -6.22
C GLU A 3 3.91 -2.37 -6.55
N CYS A 4 3.38 -1.36 -5.84
CA CYS A 4 1.98 -0.90 -5.89
C CYS A 4 1.46 -0.65 -7.30
N VAL A 5 0.17 -0.31 -7.42
CA VAL A 5 -0.39 0.29 -8.65
C VAL A 5 0.02 1.76 -8.68
N ARG A 6 1.34 1.99 -8.72
CA ARG A 6 2.06 3.25 -8.83
C ARG A 6 1.52 4.31 -7.87
N GLY A 7 1.18 3.81 -6.68
CA GLY A 7 0.61 4.57 -5.57
C GLY A 7 -0.72 4.02 -5.05
N ARG A 8 -1.38 3.12 -5.79
CA ARG A 8 -2.68 2.55 -5.40
C ARG A 8 -2.59 1.03 -5.24
N CYS A 9 -3.71 0.42 -4.89
CA CYS A 9 -3.96 -1.01 -4.89
C CYS A 9 -5.47 -1.21 -4.69
N PRO A 10 -5.94 -2.47 -4.63
CA PRO A 10 -7.35 -2.81 -4.44
C PRO A 10 -8.01 -2.25 -3.17
N SER A 11 -9.30 -2.59 -3.03
CA SER A 11 -10.24 -2.24 -1.97
C SER A 11 -9.65 -1.62 -0.72
N GLY A 12 -9.55 -0.29 -0.73
CA GLY A 12 -9.15 0.51 0.43
C GLY A 12 -7.71 0.32 0.90
N MET A 13 -6.86 -0.43 0.19
CA MET A 13 -5.48 -0.64 0.62
C MET A 13 -4.64 0.62 0.40
N CYS A 14 -3.43 0.64 0.97
CA CYS A 14 -2.53 1.78 0.96
C CYS A 14 -1.16 1.35 0.41
N CYS A 15 -0.28 2.30 0.07
CA CYS A 15 1.03 2.01 -0.53
C CYS A 15 2.17 2.47 0.39
N SER A 16 3.17 1.61 0.64
CA SER A 16 4.23 1.82 1.62
C SER A 16 5.36 2.65 1.07
N GLN A 17 6.18 3.21 1.97
CA GLN A 17 7.46 3.78 1.58
C GLN A 17 8.48 2.71 1.16
N GLY A 19 7.25 0.65 -1.25
CA GLY A 19 6.72 0.49 -2.59
C GLY A 19 5.69 -0.64 -2.73
N CYS A 21 1.92 -2.69 -1.24
CA CYS A 21 0.63 -2.22 -0.75
C CYS A 21 -0.01 -3.12 0.31
N GLY A 22 -0.77 -2.49 1.22
CA GLY A 22 -1.40 -3.16 2.35
C GLY A 22 -2.06 -2.10 3.24
N LYS A 23 -2.56 -2.49 4.43
CA LYS A 23 -3.20 -1.56 5.37
C LYS A 23 -2.48 -1.39 6.70
N GLY A 24 -1.35 -2.07 6.88
CA GLY A 24 -0.60 -2.02 8.13
C GLY A 24 0.18 -0.71 8.30
N PRO A 25 0.69 -0.41 9.50
CA PRO A 25 1.44 0.81 9.81
C PRO A 25 2.63 1.06 8.88
N LYS A 26 3.27 0.00 8.37
CA LYS A 26 4.35 0.13 7.40
C LYS A 26 3.89 0.42 5.97
N TYR A 27 2.58 0.32 5.69
CA TYR A 27 2.02 0.64 4.38
C TYR A 27 1.19 1.92 4.41
N CYS A 28 0.25 2.03 5.35
CA CYS A 28 -0.80 3.02 5.23
C CYS A 28 -0.37 4.39 5.78
N GLY A 29 0.61 4.98 5.09
CA GLY A 29 1.23 6.26 5.45
C GLY A 29 2.07 6.07 6.71
N ARG A 30 1.39 5.89 7.84
CA ARG A 30 1.96 5.27 9.04
C ARG A 30 0.94 4.52 9.91
N VAL A 1 6.67 -9.50 -4.30
CA VAL A 1 5.23 -9.66 -4.58
C VAL A 1 4.44 -8.96 -3.50
N GLY A 2 3.42 -8.19 -3.89
CA GLY A 2 2.60 -7.35 -3.01
C GLY A 2 2.70 -5.85 -3.32
N GLU A 3 3.07 -5.50 -4.55
CA GLU A 3 3.43 -4.16 -4.98
C GLU A 3 2.20 -3.28 -5.26
N CYS A 4 2.40 -1.98 -5.41
CA CYS A 4 1.36 -1.05 -5.83
C CYS A 4 1.59 -0.50 -7.24
N VAL A 5 0.49 -0.07 -7.85
CA VAL A 5 0.45 0.56 -9.17
C VAL A 5 0.94 1.99 -9.03
N ARG A 6 2.26 2.14 -8.89
CA ARG A 6 2.96 3.43 -8.75
C ARG A 6 2.33 4.35 -7.72
N GLY A 7 1.79 3.73 -6.67
CA GLY A 7 1.26 4.43 -5.50
C GLY A 7 -0.12 3.98 -5.02
N ARG A 8 -0.88 3.17 -5.79
CA ARG A 8 -2.15 2.63 -5.28
C ARG A 8 -2.23 1.12 -5.41
N CYS A 9 -3.06 0.52 -4.56
CA CYS A 9 -3.48 -0.86 -4.59
C CYS A 9 -5.00 -0.86 -4.80
N PRO A 10 -5.66 -1.99 -5.09
CA PRO A 10 -7.11 -2.07 -5.00
C PRO A 10 -7.59 -1.94 -3.54
N SER A 11 -8.91 -1.88 -3.34
CA SER A 11 -9.56 -2.02 -2.04
C SER A 11 -9.13 -1.03 -0.95
N GLY A 12 -9.61 -1.28 0.27
CA GLY A 12 -9.30 -0.51 1.48
C GLY A 12 -7.87 -0.72 1.99
N MET A 13 -6.89 -0.74 1.09
CA MET A 13 -5.48 -0.88 1.42
C MET A 13 -4.76 0.48 1.29
N CYS A 14 -3.50 0.54 1.71
CA CYS A 14 -2.61 1.68 1.53
C CYS A 14 -1.28 1.20 0.94
N CYS A 15 -0.42 2.11 0.51
CA CYS A 15 0.84 1.78 -0.16
C CYS A 15 2.05 2.43 0.52
N SER A 16 3.20 1.74 0.53
CA SER A 16 4.44 2.21 1.15
C SER A 16 5.37 2.88 0.16
N GLN A 17 6.32 3.71 0.65
CA GLN A 17 7.40 4.23 -0.17
C GLN A 17 8.33 3.14 -0.68
N GLY A 19 7.00 0.64 -2.16
CA GLY A 19 6.20 0.22 -3.31
C GLY A 19 5.19 -0.87 -2.98
N CYS A 21 1.86 -2.92 -0.76
CA CYS A 21 0.47 -2.71 -0.39
C CYS A 21 0.10 -3.37 0.94
N GLY A 22 -0.74 -2.70 1.73
CA GLY A 22 -1.47 -3.34 2.82
C GLY A 22 -2.33 -2.35 3.60
N LYS A 23 -3.23 -2.85 4.46
CA LYS A 23 -4.02 -2.02 5.38
C LYS A 23 -3.43 -2.13 6.79
N GLY A 24 -2.17 -1.73 6.93
CA GLY A 24 -1.48 -1.77 8.22
C GLY A 24 -0.42 -0.68 8.33
N PRO A 25 0.10 -0.43 9.55
CA PRO A 25 0.93 0.71 9.89
C PRO A 25 1.99 1.05 8.84
N LYS A 26 2.89 0.13 8.53
CA LYS A 26 3.99 0.43 7.63
C LYS A 26 3.58 0.59 6.16
N TYR A 27 2.36 0.22 5.80
CA TYR A 27 1.82 0.45 4.46
C TYR A 27 1.04 1.75 4.40
N CYS A 28 0.35 2.07 5.49
CA CYS A 28 -0.55 3.21 5.54
C CYS A 28 0.08 4.43 6.24
N GLY A 29 0.61 4.28 7.46
CA GLY A 29 1.27 5.36 8.20
C GLY A 29 2.80 5.33 8.12
N ARG A 30 3.38 4.31 7.48
CA ARG A 30 4.83 4.08 7.29
C ARG A 30 5.55 3.70 8.57
N VAL A 1 9.45 -4.46 -8.04
CA VAL A 1 9.06 -5.59 -8.91
C VAL A 1 7.65 -6.00 -8.55
N GLY A 2 6.76 -6.13 -9.54
CA GLY A 2 5.34 -6.27 -9.31
C GLY A 2 4.74 -4.95 -8.85
N GLU A 3 5.07 -4.59 -7.60
CA GLU A 3 4.76 -3.37 -6.83
C GLU A 3 3.35 -2.74 -6.97
N CYS A 4 3.04 -1.78 -6.11
CA CYS A 4 1.76 -1.07 -6.02
C CYS A 4 1.14 -0.67 -7.37
N VAL A 5 -0.08 -0.12 -7.37
CA VAL A 5 -0.63 0.59 -8.52
C VAL A 5 0.01 1.99 -8.56
N ARG A 6 1.34 1.99 -8.75
CA ARG A 6 2.27 3.12 -8.85
C ARG A 6 1.98 4.17 -7.77
N GLY A 7 1.72 3.63 -6.57
CA GLY A 7 1.44 4.36 -5.34
C GLY A 7 0.00 4.20 -4.80
N ARG A 8 -0.91 3.51 -5.51
CA ARG A 8 -2.22 3.10 -5.00
C ARG A 8 -2.20 1.58 -4.81
N CYS A 9 -3.28 1.01 -4.30
CA CYS A 9 -3.58 -0.40 -4.44
C CYS A 9 -5.10 -0.60 -4.42
N PRO A 10 -5.61 -1.78 -4.78
CA PRO A 10 -7.03 -2.07 -4.73
C PRO A 10 -7.50 -2.30 -3.29
N SER A 11 -8.82 -2.31 -3.09
CA SER A 11 -9.44 -2.40 -1.77
C SER A 11 -8.94 -1.31 -0.82
N GLY A 12 -9.27 -1.45 0.46
CA GLY A 12 -8.86 -0.52 1.53
C GLY A 12 -7.35 -0.48 1.82
N MET A 13 -6.49 -0.83 0.85
CA MET A 13 -5.05 -0.93 1.07
C MET A 13 -4.37 0.41 0.83
N CYS A 14 -3.14 0.52 1.32
CA CYS A 14 -2.31 1.72 1.19
C CYS A 14 -0.89 1.27 0.79
N CYS A 15 -0.13 2.13 0.11
CA CYS A 15 1.20 1.78 -0.43
C CYS A 15 2.32 2.35 0.45
N SER A 16 3.55 1.83 0.33
CA SER A 16 4.74 2.36 1.00
C SER A 16 5.79 2.87 0.01
N GLN A 17 6.80 3.58 0.54
CA GLN A 17 7.98 3.99 -0.22
C GLN A 17 8.73 2.82 -0.87
N GLY A 19 7.17 0.47 -2.61
CA GLY A 19 6.34 -0.04 -3.69
C GLY A 19 5.50 -1.24 -3.25
N CYS A 21 2.22 -2.70 -0.69
CA CYS A 21 0.99 -2.16 -0.12
C CYS A 21 0.29 -3.17 0.80
N GLY A 22 -0.67 -2.65 1.58
CA GLY A 22 -1.49 -3.45 2.48
C GLY A 22 -2.36 -2.56 3.35
N LYS A 23 -3.15 -3.16 4.25
CA LYS A 23 -4.09 -2.40 5.08
C LYS A 23 -3.41 -1.59 6.19
N GLY A 24 -2.33 -2.16 6.69
CA GLY A 24 -1.83 -1.89 8.04
C GLY A 24 -0.98 -0.61 8.18
N PRO A 25 -0.76 -0.16 9.43
CA PRO A 25 -0.03 1.05 9.75
C PRO A 25 1.33 1.17 9.05
N LYS A 26 2.08 0.06 8.93
CA LYS A 26 3.37 0.10 8.26
C LYS A 26 3.31 0.51 6.79
N TYR A 27 2.15 0.42 6.17
CA TYR A 27 1.89 1.05 4.88
C TYR A 27 1.17 2.37 5.14
N CYS A 28 -0.02 2.29 5.73
CA CYS A 28 -1.01 3.34 5.65
C CYS A 28 -0.74 4.50 6.62
N GLY A 29 0.12 4.28 7.60
CA GLY A 29 0.77 5.33 8.40
C GLY A 29 2.29 5.26 8.26
N ARG A 30 2.81 4.56 7.23
CA ARG A 30 4.21 4.38 6.88
C ARG A 30 5.10 3.67 7.92
N VAL A 1 1.55 -7.07 -8.43
CA VAL A 1 0.64 -6.31 -7.55
C VAL A 1 0.81 -6.82 -6.14
N GLY A 2 1.13 -5.89 -5.23
CA GLY A 2 1.77 -6.19 -3.94
C GLY A 2 2.94 -5.23 -3.78
N GLU A 3 3.74 -5.11 -4.84
CA GLU A 3 4.25 -3.80 -5.23
C GLU A 3 3.06 -2.90 -5.63
N CYS A 4 3.16 -1.59 -5.43
CA CYS A 4 1.97 -0.76 -5.54
C CYS A 4 1.49 -0.60 -6.99
N VAL A 5 0.20 -0.34 -7.17
CA VAL A 5 -0.43 -0.06 -8.45
C VAL A 5 -0.18 1.41 -8.78
N ARG A 6 1.10 1.74 -8.95
CA ARG A 6 1.63 2.98 -9.48
C ARG A 6 0.99 4.21 -8.84
N GLY A 7 0.75 4.06 -7.54
CA GLY A 7 0.10 5.06 -6.68
C GLY A 7 -1.07 4.53 -5.84
N ARG A 8 -1.60 3.33 -6.13
CA ARG A 8 -2.69 2.74 -5.35
C ARG A 8 -2.37 1.31 -4.97
N CYS A 9 -3.35 0.65 -4.35
CA CYS A 9 -3.58 -0.77 -4.38
C CYS A 9 -5.08 -0.98 -4.14
N PRO A 10 -5.56 -2.23 -4.05
CA PRO A 10 -6.97 -2.54 -3.85
C PRO A 10 -7.67 -1.86 -2.66
N SER A 11 -8.97 -2.14 -2.54
CA SER A 11 -9.90 -1.64 -1.53
C SER A 11 -9.31 -1.69 -0.12
N GLY A 12 -9.07 -0.53 0.48
CA GLY A 12 -8.61 -0.45 1.87
C GLY A 12 -7.10 -0.59 2.05
N MET A 13 -6.33 -0.74 0.97
CA MET A 13 -4.87 -0.75 1.10
C MET A 13 -4.28 0.66 1.04
N CYS A 14 -3.00 0.77 1.42
CA CYS A 14 -2.15 1.90 1.10
C CYS A 14 -0.85 1.39 0.47
N CYS A 15 -0.09 2.28 -0.15
CA CYS A 15 1.28 2.02 -0.59
C CYS A 15 2.25 2.39 0.55
N SER A 16 3.50 1.95 0.48
CA SER A 16 4.53 2.24 1.48
C SER A 16 5.79 2.84 0.87
N GLN A 17 6.68 3.29 1.76
CA GLN A 17 8.05 3.68 1.48
C GLN A 17 8.89 2.60 0.76
N GLY A 19 7.55 0.99 -1.93
CA GLY A 19 6.84 0.74 -3.19
C GLY A 19 5.97 -0.52 -3.10
N CYS A 21 2.52 -2.51 -0.92
CA CYS A 21 1.20 -2.07 -0.45
C CYS A 21 0.50 -3.06 0.46
N GLY A 22 -0.48 -2.56 1.23
CA GLY A 22 -1.30 -3.40 2.09
C GLY A 22 -2.24 -2.59 2.98
N LYS A 23 -3.14 -3.28 3.69
CA LYS A 23 -4.24 -2.68 4.45
C LYS A 23 -3.88 -2.32 5.90
N GLY A 24 -2.84 -1.52 6.09
CA GLY A 24 -2.58 -0.98 7.43
C GLY A 24 -1.33 -0.12 7.57
N PRO A 25 -1.13 0.49 8.75
CA PRO A 25 -0.04 1.42 9.05
C PRO A 25 1.35 0.91 8.69
N LYS A 26 1.57 -0.42 8.74
CA LYS A 26 2.82 -1.04 8.28
C LYS A 26 3.23 -0.59 6.90
N TYR A 27 2.23 -0.35 6.05
CA TYR A 27 2.36 0.17 4.72
C TYR A 27 2.06 1.67 4.76
N CYS A 28 0.87 2.01 5.26
CA CYS A 28 0.26 3.32 5.11
C CYS A 28 1.02 4.44 5.85
N GLY A 29 1.84 4.08 6.83
CA GLY A 29 2.82 4.96 7.45
C GLY A 29 4.21 4.31 7.50
N ARG A 30 4.47 3.35 6.59
CA ARG A 30 5.62 2.43 6.59
C ARG A 30 5.97 1.83 7.97
N VAL A 1 6.97 -8.55 -4.88
CA VAL A 1 5.60 -9.02 -5.15
C VAL A 1 4.59 -8.26 -4.28
N GLY A 2 3.47 -7.83 -4.86
CA GLY A 2 2.47 -7.01 -4.19
C GLY A 2 2.75 -5.51 -4.37
N GLU A 3 3.49 -5.15 -5.41
CA GLU A 3 3.98 -3.80 -5.67
C GLU A 3 2.90 -2.93 -6.31
N CYS A 4 2.90 -1.62 -6.00
CA CYS A 4 1.72 -0.80 -6.26
C CYS A 4 1.63 -0.36 -7.73
N VAL A 5 0.39 -0.15 -8.17
CA VAL A 5 0.04 0.53 -9.41
C VAL A 5 0.37 1.99 -9.25
N ARG A 6 1.65 2.34 -9.43
CA ARG A 6 2.20 3.69 -9.42
C ARG A 6 1.78 4.47 -8.16
N GLY A 7 1.66 3.72 -7.07
CA GLY A 7 1.30 4.24 -5.74
C GLY A 7 -0.05 3.77 -5.20
N ARG A 8 -0.86 2.98 -5.94
CA ARG A 8 -2.11 2.45 -5.40
C ARG A 8 -2.25 0.94 -5.59
N CYS A 9 -3.25 0.39 -4.91
CA CYS A 9 -3.95 -0.83 -5.28
C CYS A 9 -5.45 -0.49 -5.23
N PRO A 10 -6.34 -1.45 -5.55
CA PRO A 10 -7.76 -1.38 -5.23
C PRO A 10 -8.04 -1.04 -3.77
N SER A 11 -9.32 -0.94 -3.40
CA SER A 11 -9.71 -0.45 -2.07
C SER A 11 -9.19 -1.31 -0.91
N GLY A 12 -9.42 -0.85 0.31
CA GLY A 12 -9.02 -1.52 1.54
C GLY A 12 -7.50 -1.64 1.79
N MET A 13 -6.64 -1.47 0.79
CA MET A 13 -5.18 -1.47 0.96
C MET A 13 -4.59 -0.06 0.92
N CYS A 14 -3.33 0.07 1.35
CA CYS A 14 -2.54 1.30 1.18
C CYS A 14 -1.14 0.96 0.65
N CYS A 15 -0.47 1.92 0.01
CA CYS A 15 0.85 1.69 -0.58
C CYS A 15 1.97 2.15 0.37
N SER A 16 3.02 1.34 0.54
CA SER A 16 4.06 1.56 1.54
C SER A 16 5.18 2.45 1.04
N GLN A 17 6.03 2.89 1.96
CA GLN A 17 7.29 3.52 1.62
C GLN A 17 8.29 2.59 0.93
N GLY A 19 6.84 0.71 -1.66
CA GLY A 19 6.16 0.57 -2.94
C GLY A 19 5.23 -0.64 -3.01
N CYS A 21 1.58 -2.89 -1.53
CA CYS A 21 0.21 -2.70 -1.06
C CYS A 21 -0.05 -3.52 0.20
N GLY A 22 -0.55 -2.90 1.28
CA GLY A 22 -0.82 -3.62 2.51
C GLY A 22 -1.60 -2.78 3.52
N LYS A 23 -1.39 -3.10 4.79
CA LYS A 23 -2.19 -2.64 5.94
C LYS A 23 -1.34 -1.94 7.00
N GLY A 24 -2.02 -1.42 8.02
CA GLY A 24 -1.41 -0.90 9.24
C GLY A 24 -0.54 0.34 9.01
N PRO A 25 0.06 0.87 10.09
CA PRO A 25 0.94 2.03 10.01
C PRO A 25 2.03 1.86 8.96
N LYS A 26 2.71 0.71 8.95
CA LYS A 26 3.91 0.49 8.13
C LYS A 26 3.65 0.65 6.64
N TYR A 27 2.50 0.20 6.12
CA TYR A 27 2.14 0.51 4.73
C TYR A 27 1.32 1.80 4.67
N CYS A 28 0.27 1.91 5.49
CA CYS A 28 -0.74 2.93 5.29
C CYS A 28 -0.44 4.26 5.97
N GLY A 29 0.17 4.24 7.16
CA GLY A 29 0.68 5.45 7.80
C GLY A 29 1.95 5.94 7.10
N ARG A 30 2.74 4.98 6.59
CA ARG A 30 3.82 5.06 5.60
C ARG A 30 5.06 5.88 6.00
N VAL A 1 7.77 -8.93 -4.09
CA VAL A 1 6.36 -9.16 -4.49
C VAL A 1 5.43 -8.34 -3.62
N GLY A 2 4.39 -7.76 -4.24
CA GLY A 2 3.35 -6.94 -3.61
C GLY A 2 3.36 -5.46 -4.04
N GLU A 3 4.11 -5.14 -5.10
CA GLU A 3 4.50 -3.82 -5.55
C GLU A 3 3.30 -3.03 -6.06
N CYS A 4 2.90 -1.98 -5.34
CA CYS A 4 1.61 -1.31 -5.53
C CYS A 4 1.39 -0.78 -6.94
N VAL A 5 0.18 -0.29 -7.21
CA VAL A 5 -0.26 0.11 -8.53
C VAL A 5 0.23 1.53 -8.85
N ARG A 6 1.52 1.74 -8.61
CA ARG A 6 2.30 2.95 -8.86
C ARG A 6 1.75 4.12 -8.04
N GLY A 7 1.52 3.82 -6.77
CA GLY A 7 1.08 4.76 -5.73
C GLY A 7 -0.34 4.48 -5.21
N ARG A 8 -1.03 3.46 -5.72
CA ARG A 8 -2.41 3.13 -5.39
C ARG A 8 -2.53 1.61 -5.18
N CYS A 9 -3.64 1.15 -4.63
CA CYS A 9 -3.86 -0.26 -4.33
C CYS A 9 -5.32 -0.62 -4.55
N PRO A 10 -5.64 -1.92 -4.70
CA PRO A 10 -7.01 -2.39 -4.64
C PRO A 10 -7.50 -2.44 -3.20
N SER A 11 -8.83 -2.49 -3.03
CA SER A 11 -9.49 -2.41 -1.73
C SER A 11 -9.04 -1.21 -0.90
N GLY A 12 -9.44 -1.17 0.37
CA GLY A 12 -9.09 -0.11 1.31
C GLY A 12 -7.61 -0.07 1.72
N MET A 13 -6.69 -0.58 0.89
CA MET A 13 -5.28 -0.67 1.23
C MET A 13 -4.51 0.58 0.84
N CYS A 14 -3.26 0.67 1.29
CA CYS A 14 -2.38 1.81 1.05
C CYS A 14 -1.03 1.31 0.51
N CYS A 15 -0.25 2.18 -0.13
CA CYS A 15 1.07 1.80 -0.62
C CYS A 15 2.19 2.28 0.32
N SER A 16 3.04 1.35 0.75
CA SER A 16 4.22 1.64 1.55
C SER A 16 5.23 2.45 0.75
N GLN A 17 6.13 3.13 1.47
CA GLN A 17 7.18 3.90 0.83
C GLN A 17 8.40 3.00 0.51
N GLY A 19 7.19 0.66 -1.55
CA GLY A 19 6.55 0.46 -2.84
C GLY A 19 5.45 -0.62 -2.87
N CYS A 21 1.71 -2.82 -1.54
CA CYS A 21 0.35 -2.61 -1.01
C CYS A 21 0.12 -3.32 0.33
N GLY A 22 -0.57 -2.67 1.26
CA GLY A 22 -1.15 -3.38 2.40
C GLY A 22 -2.06 -2.47 3.23
N LYS A 23 -2.76 -3.03 4.22
CA LYS A 23 -3.63 -2.23 5.11
C LYS A 23 -2.94 -1.74 6.36
N GLY A 24 -1.76 -2.29 6.65
CA GLY A 24 -1.06 -2.06 7.91
C GLY A 24 -0.39 -0.69 7.98
N PRO A 25 -0.07 -0.23 9.21
CA PRO A 25 0.49 1.10 9.43
C PRO A 25 1.80 1.29 8.67
N LYS A 26 2.64 0.25 8.56
CA LYS A 26 3.87 0.29 7.77
C LYS A 26 3.63 0.66 6.31
N TYR A 27 2.47 0.26 5.77
CA TYR A 27 2.06 0.62 4.43
C TYR A 27 1.44 2.01 4.42
N CYS A 28 0.45 2.22 5.30
CA CYS A 28 -0.44 3.35 5.19
C CYS A 28 0.17 4.61 5.83
N GLY A 29 1.29 5.07 5.26
CA GLY A 29 1.93 6.35 5.57
C GLY A 29 2.68 6.38 6.90
N ARG A 30 2.25 5.56 7.86
CA ARG A 30 2.81 5.33 9.21
C ARG A 30 2.54 6.50 10.15
N VAL A 1 1.55 -6.99 0.15
CA VAL A 1 0.78 -8.06 -0.52
C VAL A 1 -0.38 -7.45 -1.27
N GLY A 2 -0.28 -7.43 -2.60
CA GLY A 2 -1.19 -6.70 -3.49
C GLY A 2 -0.51 -5.48 -4.09
N GLU A 3 0.71 -5.66 -4.56
CA GLU A 3 1.68 -4.58 -4.76
C GLU A 3 1.23 -3.50 -5.74
N CYS A 4 1.73 -2.30 -5.50
CA CYS A 4 1.04 -1.11 -5.96
C CYS A 4 1.44 -0.68 -7.37
N VAL A 5 0.62 0.16 -7.98
CA VAL A 5 0.93 0.93 -9.18
C VAL A 5 1.82 2.12 -8.81
N ARG A 6 2.93 1.81 -8.11
CA ARG A 6 3.97 2.71 -7.65
C ARG A 6 3.43 3.89 -6.84
N GLY A 7 2.38 3.58 -6.08
CA GLY A 7 1.78 4.51 -5.11
C GLY A 7 0.43 4.07 -4.54
N ARG A 8 -0.36 3.28 -5.29
CA ARG A 8 -1.62 2.74 -4.79
C ARG A 8 -1.83 1.27 -5.18
N CYS A 9 -2.53 0.54 -4.32
CA CYS A 9 -3.21 -0.70 -4.68
C CYS A 9 -4.68 -0.37 -5.01
N PRO A 10 -5.46 -1.33 -5.50
CA PRO A 10 -6.92 -1.21 -5.54
C PRO A 10 -7.51 -1.31 -4.12
N SER A 11 -8.82 -1.09 -4.00
CA SER A 11 -9.62 -1.37 -2.80
C SER A 11 -9.16 -0.67 -1.51
N GLY A 12 -9.82 -1.02 -0.41
CA GLY A 12 -9.60 -0.46 0.94
C GLY A 12 -8.23 -0.76 1.57
N MET A 13 -7.24 -1.19 0.78
CA MET A 13 -5.87 -1.41 1.25
C MET A 13 -5.08 -0.10 1.20
N CYS A 14 -3.84 -0.12 1.68
CA CYS A 14 -2.95 1.04 1.68
C CYS A 14 -1.56 0.62 1.18
N CYS A 15 -0.69 1.59 0.88
CA CYS A 15 0.55 1.34 0.13
C CYS A 15 1.78 2.02 0.76
N SER A 16 2.92 1.32 0.86
CA SER A 16 4.17 1.91 1.33
C SER A 16 4.89 2.65 0.19
N GLN A 17 5.93 3.44 0.49
CA GLN A 17 6.62 4.21 -0.54
C GLN A 17 7.49 3.35 -1.46
N GLY A 19 5.97 0.84 -2.70
CA GLY A 19 4.87 0.33 -3.48
C GLY A 19 4.45 -1.07 -3.07
N CYS A 21 1.83 -3.33 -0.56
CA CYS A 21 0.47 -3.08 -0.11
C CYS A 21 0.15 -3.76 1.23
N GLY A 22 -0.71 -3.14 2.04
CA GLY A 22 -1.22 -3.70 3.28
C GLY A 22 -2.09 -2.69 4.02
N LYS A 23 -2.49 -2.97 5.26
CA LYS A 23 -3.14 -1.97 6.13
C LYS A 23 -2.37 -1.65 7.41
N GLY A 24 -1.20 -2.26 7.59
CA GLY A 24 -0.31 -2.00 8.70
C GLY A 24 0.39 -0.63 8.59
N PRO A 25 1.13 -0.23 9.63
CA PRO A 25 1.58 1.14 9.84
C PRO A 25 2.30 1.75 8.64
N LYS A 26 3.35 1.09 8.12
CA LYS A 26 4.10 1.56 6.96
C LYS A 26 3.37 1.40 5.63
N TYR A 27 2.21 0.74 5.59
CA TYR A 27 1.40 0.70 4.38
C TYR A 27 0.34 1.79 4.42
N CYS A 28 -0.29 1.98 5.59
CA CYS A 28 -1.39 2.89 5.73
C CYS A 28 -1.05 4.18 6.50
N GLY A 29 0.22 4.45 6.78
CA GLY A 29 0.62 5.63 7.53
C GLY A 29 0.01 5.62 8.94
N ARG A 30 -0.05 4.42 9.54
CA ARG A 30 -0.79 4.11 10.77
C ARG A 30 -2.32 4.21 10.65
#